data_9KLE
#
_entry.id   9KLE
#
_cell.length_a   181.552
_cell.length_b   181.552
_cell.length_c   181.552
_cell.angle_alpha   90.00
_cell.angle_beta   90.00
_cell.angle_gamma   90.00
#
_symmetry.space_group_name_H-M   'F 4 3 2'
#
loop_
_entity.id
_entity.type
_entity.pdbx_description
1 polymer 'Ferritin light chain'
2 non-polymer 'CADMIUM ION'
3 non-polymer 'SULFATE ION'
4 non-polymer 'CHLORIDE ION'
5 non-polymer 1,2-ETHANEDIOL
6 non-polymer 'Nile Red'
7 water water
#
_entity_poly.entity_id   1
_entity_poly.type   'polypeptide(L)'
_entity_poly.pdbx_seq_one_letter_code
;SSQIRQNYSTEVEAAVNRLVNLYLRASYTYLSLGFYFDRDDVALEGVCHFFFELAFEKFEGAFRLLKMQNQRGGRALFQD
LQKPSQDEWGTTLDAMKAAIVLEKSLNQALLDLHALGSAQADPHLCDFLESHFLDEEVKLIKKMGDHLTNIQRLVGSQAG
LGEYLFERLTLKHD
;
_entity_poly.pdbx_strand_id   A
#
loop_
_chem_comp.id
_chem_comp.type
_chem_comp.name
_chem_comp.formula
A1L52 non-polymer 'Nile Red' 'C20 H18 N2 O2'
CD non-polymer 'CADMIUM ION' 'Cd 2'
CL non-polymer 'CHLORIDE ION' 'Cl -1'
EDO non-polymer 1,2-ETHANEDIOL 'C2 H6 O2'
SO4 non-polymer 'SULFATE ION' 'O4 S -2'
#
# COMPACT_ATOMS: atom_id res chain seq x y z
N SER A 1 -28.62 3.51 18.60
CA SER A 1 -27.42 2.71 18.23
C SER A 1 -26.36 2.86 19.32
N SER A 2 -25.23 3.48 18.97
CA SER A 2 -23.98 3.21 19.68
C SER A 2 -23.80 4.06 20.96
N GLN A 3 -23.34 3.35 21.98
CA GLN A 3 -23.15 3.90 23.30
C GLN A 3 -21.80 4.63 23.39
N ILE A 4 -20.90 4.45 22.40
CA ILE A 4 -19.62 5.14 22.45
C ILE A 4 -19.48 6.20 21.34
N ARG A 5 -20.27 6.12 20.28
CA ARG A 5 -19.98 6.91 19.11
C ARG A 5 -20.15 8.40 19.44
N GLN A 6 -19.19 9.21 19.02
CA GLN A 6 -19.24 10.62 19.29
C GLN A 6 -18.41 11.34 18.25
N ASN A 7 -19.03 12.30 17.58
CA ASN A 7 -18.35 13.10 16.57
C ASN A 7 -17.84 12.26 15.41
N TYR A 8 -18.55 11.18 15.08
CA TYR A 8 -18.06 10.27 14.06
C TYR A 8 -19.11 10.12 12.97
N SER A 9 -18.92 10.79 11.84
CA SER A 9 -19.95 10.91 10.81
C SER A 9 -20.16 9.59 10.06
N THR A 10 -21.36 9.43 9.49
CA THR A 10 -21.64 8.28 8.65
C THR A 10 -20.71 8.35 7.43
N GLU A 11 -20.41 9.55 6.94
CA GLU A 11 -19.57 9.69 5.75
C GLU A 11 -18.16 9.13 6.03
N VAL A 12 -17.62 9.43 7.19
CA VAL A 12 -16.27 8.97 7.56
C VAL A 12 -16.30 7.44 7.75
N GLU A 13 -17.35 6.96 8.40
CA GLU A 13 -17.49 5.53 8.65
C GLU A 13 -17.43 4.74 7.35
N ALA A 14 -18.21 5.21 6.35
CA ALA A 14 -18.27 4.56 5.05
C ALA A 14 -16.93 4.67 4.33
N ALA A 15 -16.32 5.86 4.40
CA ALA A 15 -15.07 6.08 3.71
C ALA A 15 -13.98 5.20 4.33
N VAL A 16 -14.01 5.04 5.67
CA VAL A 16 -13.07 4.14 6.33
C VAL A 16 -13.22 2.71 5.82
N ASN A 17 -14.45 2.22 5.73
CA ASN A 17 -14.70 0.90 5.15
C ASN A 17 -14.16 0.79 3.71
N ARG A 18 -14.33 1.83 2.90
CA ARG A 18 -13.82 1.83 1.53
C ARG A 18 -12.29 1.74 1.53
N LEU A 19 -11.67 2.49 2.43
CA LEU A 19 -10.23 2.50 2.53
C LEU A 19 -9.67 1.17 2.98
N VAL A 20 -10.37 0.47 3.89
CA VAL A 20 -10.01 -0.89 4.26
C VAL A 20 -9.97 -1.78 3.02
N ASN A 21 -11.01 -1.69 2.18
CA ASN A 21 -11.10 -2.44 0.95
C ASN A 21 -9.88 -2.13 0.07
N LEU A 22 -9.52 -0.85 -0.05
CA LEU A 22 -8.36 -0.46 -0.85
C LEU A 22 -7.05 -1.06 -0.29
N TYR A 23 -6.87 -1.02 1.03
CA TYR A 23 -5.67 -1.56 1.65
C TYR A 23 -5.60 -3.08 1.44
N LEU A 24 -6.72 -3.77 1.61
CA LEU A 24 -6.72 -5.21 1.46
C LEU A 24 -6.48 -5.57 0.00
N ARG A 25 -6.97 -4.77 -0.94
CA ARG A 25 -6.72 -5.00 -2.35
C ARG A 25 -5.23 -4.82 -2.65
N ALA A 26 -4.63 -3.79 -2.02
CA ALA A 26 -3.23 -3.52 -2.17
C ALA A 26 -2.42 -4.67 -1.61
N SER A 27 -2.84 -5.20 -0.45
CA SER A 27 -2.14 -6.34 0.13
C SER A 27 -2.14 -7.53 -0.84
N TYR A 28 -3.31 -7.76 -1.43
CA TYR A 28 -3.47 -8.87 -2.38
C TYR A 28 -2.61 -8.69 -3.61
N THR A 29 -2.52 -7.44 -4.11
CA THR A 29 -1.72 -7.12 -5.26
C THR A 29 -0.27 -7.45 -4.95
N TYR A 30 0.19 -7.07 -3.75
CA TYR A 30 1.55 -7.33 -3.34
C TYR A 30 1.81 -8.82 -3.12
N LEU A 31 0.82 -9.57 -2.62
CA LEU A 31 0.96 -11.02 -2.56
C LEU A 31 1.21 -11.59 -3.96
N SER A 32 0.45 -11.11 -4.98
CA SER A 32 0.62 -11.59 -6.34
C SER A 32 2.00 -11.22 -6.89
N LEU A 33 2.40 -9.99 -6.63
CA LEU A 33 3.75 -9.52 -7.03
C LEU A 33 4.84 -10.39 -6.43
N GLY A 34 4.73 -10.68 -5.14
CA GLY A 34 5.70 -11.51 -4.46
C GLY A 34 5.80 -12.90 -5.10
N PHE A 35 4.67 -13.57 -5.30
CA PHE A 35 4.75 -14.92 -5.82
C PHE A 35 5.22 -14.92 -7.28
N TYR A 36 4.92 -13.87 -8.08
CA TYR A 36 5.45 -13.80 -9.43
C TYR A 36 6.97 -13.82 -9.38
N PHE A 37 7.58 -13.02 -8.46
CA PHE A 37 9.04 -12.93 -8.44
C PHE A 37 9.66 -14.15 -7.79
N ASP A 38 8.85 -15.01 -7.17
CA ASP A 38 9.25 -16.31 -6.64
C ASP A 38 9.24 -17.42 -7.69
N ARG A 39 8.65 -17.20 -8.86
CA ARG A 39 8.62 -18.17 -9.96
C ARG A 39 10.04 -18.60 -10.33
N ASP A 40 10.18 -19.89 -10.69
CA ASP A 40 11.48 -20.39 -11.12
C ASP A 40 12.00 -19.67 -12.35
N ASP A 41 11.11 -19.16 -13.18
CA ASP A 41 11.46 -18.48 -14.41
C ASP A 41 11.52 -16.95 -14.27
N VAL A 42 11.49 -16.47 -13.04
CA VAL A 42 11.67 -15.06 -12.71
C VAL A 42 12.82 -14.95 -11.69
N ALA A 43 12.62 -15.54 -10.50
CA ALA A 43 13.67 -15.92 -9.57
C ALA A 43 14.49 -14.71 -9.14
N LEU A 44 13.82 -13.74 -8.51
CA LEU A 44 14.48 -12.57 -7.97
C LEU A 44 14.07 -12.43 -6.51
N GLU A 45 14.86 -13.07 -5.64
CA GLU A 45 14.51 -13.25 -4.24
C GLU A 45 14.29 -11.91 -3.54
N GLY A 46 15.17 -10.97 -3.78
CA GLY A 46 15.09 -9.68 -3.12
C GLY A 46 13.81 -8.93 -3.50
N VAL A 47 13.41 -9.08 -4.74
CA VAL A 47 12.21 -8.42 -5.23
C VAL A 47 11.00 -9.09 -4.55
N CYS A 48 11.02 -10.43 -4.57
CA CYS A 48 10.02 -11.23 -3.90
C CYS A 48 9.83 -10.72 -2.45
N HIS A 49 10.94 -10.64 -1.68
CA HIS A 49 10.83 -10.30 -0.28
C HIS A 49 10.32 -8.87 -0.12
N PHE A 50 10.73 -7.95 -1.02
CA PHE A 50 10.29 -6.56 -0.95
C PHE A 50 8.75 -6.50 -1.05
N PHE A 51 8.18 -7.21 -2.02
CA PHE A 51 6.73 -7.13 -2.20
C PHE A 51 5.97 -7.90 -1.12
N PHE A 52 6.50 -9.01 -0.59
CA PHE A 52 5.83 -9.66 0.53
C PHE A 52 5.81 -8.79 1.78
N GLU A 53 6.92 -8.05 2.06
CA GLU A 53 6.96 -7.11 3.15
CA GLU A 53 6.92 -7.15 3.19
C GLU A 53 5.83 -6.09 3.00
N LEU A 54 5.66 -5.60 1.75
CA LEU A 54 4.56 -4.65 1.51
C LEU A 54 3.20 -5.32 1.66
N ALA A 55 3.02 -6.59 1.25
CA ALA A 55 1.72 -7.22 1.46
C ALA A 55 1.38 -7.18 2.95
N PHE A 56 2.38 -7.47 3.80
CA PHE A 56 2.14 -7.49 5.23
CA PHE A 56 2.16 -7.48 5.23
C PHE A 56 1.83 -6.07 5.72
N GLU A 57 2.61 -5.07 5.26
CA GLU A 57 2.38 -3.68 5.65
C GLU A 57 0.97 -3.22 5.30
N LYS A 58 0.49 -3.56 4.13
CA LYS A 58 -0.82 -3.09 3.73
C LYS A 58 -1.90 -3.80 4.53
N PHE A 59 -1.69 -5.08 4.83
CA PHE A 59 -2.64 -5.78 5.70
C PHE A 59 -2.69 -5.12 7.08
N GLU A 60 -1.51 -4.78 7.64
CA GLU A 60 -1.46 -4.07 8.92
C GLU A 60 -2.23 -2.76 8.89
N GLY A 61 -2.14 -2.02 7.77
CA GLY A 61 -2.85 -0.78 7.59
C GLY A 61 -4.34 -1.01 7.67
N ALA A 62 -4.82 -1.99 6.91
CA ALA A 62 -6.21 -2.37 7.00
C ALA A 62 -6.62 -2.72 8.41
N PHE A 63 -5.83 -3.54 9.10
CA PHE A 63 -6.16 -3.92 10.45
C PHE A 63 -6.27 -2.69 11.36
N ARG A 64 -5.32 -1.76 11.28
CA ARG A 64 -5.39 -0.58 12.14
CA ARG A 64 -5.37 -0.57 12.12
C ARG A 64 -6.65 0.23 11.86
N LEU A 65 -7.01 0.35 10.57
CA LEU A 65 -8.21 1.08 10.18
C LEU A 65 -9.44 0.44 10.79
N LEU A 66 -9.49 -0.91 10.78
CA LEU A 66 -10.66 -1.62 11.30
C LEU A 66 -10.73 -1.50 12.82
N LYS A 67 -9.58 -1.54 13.49
CA LYS A 67 -9.50 -1.31 14.92
CA LYS A 67 -9.50 -1.31 14.92
C LYS A 67 -10.05 0.08 15.26
N MET A 68 -9.68 1.07 14.46
CA MET A 68 -10.07 2.44 14.73
C MET A 68 -11.59 2.58 14.51
N GLN A 69 -12.11 1.94 13.46
CA GLN A 69 -13.53 1.97 13.15
C GLN A 69 -14.30 1.52 14.40
N ASN A 70 -13.85 0.42 15.01
CA ASN A 70 -14.51 -0.05 16.23
C ASN A 70 -14.29 0.88 17.42
N GLN A 71 -13.10 1.48 17.52
CA GLN A 71 -12.83 2.36 18.64
C GLN A 71 -13.74 3.59 18.59
N ARG A 72 -14.14 3.98 17.39
CA ARG A 72 -15.00 5.12 17.17
C ARG A 72 -16.48 4.74 17.20
N GLY A 73 -16.79 3.46 17.22
CA GLY A 73 -18.19 3.04 17.22
C GLY A 73 -18.86 2.93 15.87
N GLY A 74 -18.06 2.95 14.80
CA GLY A 74 -18.51 2.58 13.50
C GLY A 74 -18.58 1.07 13.32
N ARG A 75 -19.13 0.67 12.19
CA ARG A 75 -19.34 -0.75 11.92
C ARG A 75 -18.53 -1.13 10.69
N ALA A 76 -17.57 -2.01 10.91
CA ALA A 76 -16.79 -2.61 9.83
C ALA A 76 -17.72 -3.37 8.88
N LEU A 77 -17.63 -3.06 7.58
CA LEU A 77 -18.38 -3.73 6.55
C LEU A 77 -17.39 -4.10 5.46
N PHE A 78 -17.37 -5.38 5.13
CA PHE A 78 -16.43 -5.90 4.15
C PHE A 78 -17.15 -6.08 2.82
N GLN A 79 -16.42 -5.81 1.77
CA GLN A 79 -16.89 -6.07 0.42
C GLN A 79 -15.99 -7.08 -0.27
N ASP A 80 -16.44 -7.53 -1.46
CA ASP A 80 -15.65 -8.38 -2.34
C ASP A 80 -14.28 -7.71 -2.53
N LEU A 81 -13.21 -8.52 -2.57
CA LEU A 81 -11.85 -8.06 -2.85
C LEU A 81 -11.51 -8.34 -4.32
N GLN A 82 -11.41 -7.31 -5.15
CA GLN A 82 -11.06 -7.47 -6.55
C GLN A 82 -9.67 -8.09 -6.62
N LYS A 83 -9.52 -9.03 -7.57
CA LYS A 83 -8.21 -9.60 -7.84
C LYS A 83 -7.28 -8.50 -8.34
N PRO A 84 -5.95 -8.71 -8.27
CA PRO A 84 -5.00 -7.74 -8.80
C PRO A 84 -5.13 -7.54 -10.28
N SER A 85 -4.61 -6.42 -10.76
CA SER A 85 -4.83 -5.93 -12.11
C SER A 85 -4.11 -6.77 -13.17
N GLN A 86 -3.08 -7.52 -12.77
CA GLN A 86 -2.31 -8.34 -13.68
CA GLN A 86 -2.29 -8.33 -13.68
C GLN A 86 -2.08 -9.72 -13.06
N ASP A 87 -1.88 -10.73 -13.90
CA ASP A 87 -1.45 -12.05 -13.46
C ASP A 87 0.07 -12.24 -13.54
N GLU A 88 0.73 -11.52 -14.45
CA GLU A 88 2.18 -11.49 -14.59
C GLU A 88 2.60 -10.03 -14.55
N TRP A 89 3.78 -9.72 -13.98
CA TRP A 89 4.12 -8.34 -13.64
C TRP A 89 5.36 -7.84 -14.36
N GLY A 90 5.85 -8.60 -15.35
CA GLY A 90 6.92 -8.11 -16.21
C GLY A 90 8.27 -8.02 -15.50
N THR A 91 9.00 -6.94 -15.81
CA THR A 91 10.30 -6.76 -15.19
C THR A 91 10.18 -6.18 -13.79
N THR A 92 11.32 -6.15 -13.10
CA THR A 92 11.39 -5.44 -11.82
C THR A 92 10.95 -3.98 -12.00
N LEU A 93 11.36 -3.35 -13.10
CA LEU A 93 10.98 -1.99 -13.41
C LEU A 93 9.46 -1.92 -13.58
N ASP A 94 8.86 -2.82 -14.36
CA ASP A 94 7.42 -2.79 -14.56
C ASP A 94 6.71 -2.90 -13.22
N ALA A 95 7.20 -3.80 -12.38
CA ALA A 95 6.60 -4.08 -11.08
C ALA A 95 6.71 -2.87 -10.16
N MET A 96 7.88 -2.23 -10.11
CA MET A 96 8.09 -1.10 -9.23
C MET A 96 7.26 0.08 -9.72
N LYS A 97 7.11 0.22 -11.07
CA LYS A 97 6.23 1.26 -11.60
C LYS A 97 4.78 1.01 -11.14
N ALA A 98 4.31 -0.23 -11.25
CA ALA A 98 2.96 -0.57 -10.85
C ALA A 98 2.77 -0.32 -9.34
N ALA A 99 3.82 -0.61 -8.52
CA ALA A 99 3.76 -0.42 -7.08
C ALA A 99 3.66 1.06 -6.72
N ILE A 100 4.37 1.94 -7.45
CA ILE A 100 4.31 3.35 -7.11
C ILE A 100 2.95 3.93 -7.52
N VAL A 101 2.38 3.47 -8.65
CA VAL A 101 1.03 3.86 -9.05
C VAL A 101 0.03 3.48 -7.97
N LEU A 102 0.15 2.26 -7.49
CA LEU A 102 -0.69 1.75 -6.42
C LEU A 102 -0.57 2.61 -5.16
N GLU A 103 0.67 2.84 -4.73
CA GLU A 103 0.88 3.66 -3.54
C GLU A 103 0.32 5.09 -3.70
N LYS A 104 0.51 5.70 -4.86
CA LYS A 104 -0.04 7.03 -5.12
C LYS A 104 -1.56 7.02 -5.00
N SER A 105 -2.18 5.91 -5.43
CA SER A 105 -3.65 5.83 -5.31
C SER A 105 -4.07 5.73 -3.83
N LEU A 106 -3.34 4.94 -3.03
CA LEU A 106 -3.62 4.81 -1.62
C LEU A 106 -3.43 6.17 -0.93
N ASN A 107 -2.33 6.86 -1.26
CA ASN A 107 -2.03 8.16 -0.68
C ASN A 107 -3.14 9.17 -0.99
N GLN A 108 -3.63 9.15 -2.22
CA GLN A 108 -4.70 10.06 -2.58
C GLN A 108 -5.95 9.72 -1.78
N ALA A 109 -6.20 8.43 -1.56
CA ALA A 109 -7.36 8.03 -0.76
C ALA A 109 -7.21 8.49 0.69
N LEU A 110 -5.99 8.40 1.24
CA LEU A 110 -5.72 8.93 2.57
C LEU A 110 -5.99 10.44 2.62
N LEU A 111 -5.48 11.20 1.64
CA LEU A 111 -5.62 12.65 1.60
C LEU A 111 -7.10 13.01 1.51
N ASP A 112 -7.84 12.28 0.67
CA ASP A 112 -9.26 12.50 0.50
C ASP A 112 -9.97 12.28 1.83
N LEU A 113 -9.58 11.22 2.54
CA LEU A 113 -10.24 10.93 3.80
C LEU A 113 -9.88 11.99 4.84
N HIS A 114 -8.61 12.43 4.86
CA HIS A 114 -8.20 13.50 5.74
C HIS A 114 -9.02 14.76 5.47
N ALA A 115 -9.21 15.11 4.21
CA ALA A 115 -9.97 16.30 3.87
C ALA A 115 -11.41 16.15 4.39
N LEU A 116 -12.01 14.98 4.22
CA LEU A 116 -13.36 14.75 4.72
C LEU A 116 -13.42 14.92 6.24
N GLY A 117 -12.44 14.35 6.93
CA GLY A 117 -12.33 14.53 8.38
C GLY A 117 -12.22 15.99 8.77
N SER A 118 -11.43 16.74 8.02
CA SER A 118 -11.27 18.17 8.21
CA SER A 118 -11.29 18.15 8.27
C SER A 118 -12.63 18.86 8.06
N ALA A 119 -13.29 18.60 6.96
CA ALA A 119 -14.58 19.27 6.70
C ALA A 119 -15.58 18.91 7.80
N GLN A 120 -15.54 17.67 8.28
CA GLN A 120 -16.48 17.23 9.31
C GLN A 120 -16.05 17.61 10.74
N ALA A 121 -14.95 18.32 10.91
CA ALA A 121 -14.38 18.67 12.21
C ALA A 121 -14.22 17.40 13.03
N ASP A 122 -13.47 16.44 12.49
CA ASP A 122 -13.18 15.17 13.14
C ASP A 122 -11.68 15.07 13.41
N PRO A 123 -11.17 15.72 14.47
CA PRO A 123 -9.73 15.79 14.66
C PRO A 123 -9.10 14.45 15.02
N HIS A 124 -9.88 13.55 15.66
CA HIS A 124 -9.29 12.27 15.98
C HIS A 124 -8.92 11.53 14.69
N LEU A 125 -9.81 11.54 13.71
N LEU A 125 -9.83 11.54 13.72
CA LEU A 125 -9.57 10.87 12.44
CA LEU A 125 -9.67 10.91 12.42
C LEU A 125 -8.39 11.51 11.76
C LEU A 125 -8.45 11.51 11.73
N CYS A 126 -8.38 12.85 11.72
CA CYS A 126 -7.27 13.57 11.09
C CYS A 126 -5.94 13.21 11.73
N ASP A 127 -5.87 13.19 13.06
CA ASP A 127 -4.64 12.78 13.74
C ASP A 127 -4.25 11.33 13.51
N PHE A 128 -5.25 10.43 13.48
CA PHE A 128 -5.00 9.02 13.28
C PHE A 128 -4.29 8.80 11.94
N LEU A 129 -4.76 9.49 10.91
CA LEU A 129 -4.21 9.36 9.58
C LEU A 129 -2.81 9.94 9.53
N GLU A 130 -2.62 11.05 10.19
CA GLU A 130 -1.34 11.74 10.17
C GLU A 130 -0.32 10.89 10.88
N SER A 131 -0.72 10.32 12.03
CA SER A 131 0.17 9.61 12.92
C SER A 131 0.56 8.22 12.43
N HIS A 132 -0.35 7.51 11.75
CA HIS A 132 -0.08 6.13 11.34
C HIS A 132 0.04 5.91 9.83
N PHE A 133 -0.36 6.88 8.99
CA PHE A 133 -0.51 6.59 7.56
C PHE A 133 0.25 7.56 6.68
N LEU A 134 0.03 8.87 6.87
CA LEU A 134 0.49 9.82 5.84
C LEU A 134 2.01 9.84 5.72
N ASP A 135 2.73 9.87 6.85
CA ASP A 135 4.19 9.88 6.74
C ASP A 135 4.75 8.52 6.31
N GLU A 136 4.11 7.41 6.75
CA GLU A 136 4.55 6.10 6.27
C GLU A 136 4.44 6.05 4.75
N GLU A 137 3.36 6.61 4.22
CA GLU A 137 3.18 6.56 2.81
C GLU A 137 4.19 7.44 2.11
N VAL A 138 4.40 8.68 2.58
CA VAL A 138 5.44 9.52 1.96
C VAL A 138 6.80 8.78 1.95
N LYS A 139 7.18 8.19 3.06
CA LYS A 139 8.46 7.49 3.17
C LYS A 139 8.53 6.33 2.16
N LEU A 140 7.44 5.59 2.02
CA LEU A 140 7.42 4.46 1.09
C LEU A 140 7.53 4.94 -0.35
N ILE A 141 6.79 5.98 -0.73
CA ILE A 141 6.83 6.46 -2.09
C ILE A 141 8.23 7.01 -2.42
N LYS A 142 8.87 7.65 -1.44
CA LYS A 142 10.23 8.14 -1.65
C LYS A 142 11.19 6.98 -1.93
N LYS A 143 11.12 5.92 -1.13
CA LYS A 143 11.92 4.72 -1.30
C LYS A 143 11.65 4.05 -2.66
N MET A 144 10.39 3.98 -3.07
CA MET A 144 10.07 3.44 -4.40
C MET A 144 10.65 4.29 -5.51
N GLY A 145 10.59 5.63 -5.36
CA GLY A 145 11.18 6.52 -6.33
C GLY A 145 12.71 6.33 -6.43
N ASP A 146 13.34 6.19 -5.27
CA ASP A 146 14.76 5.89 -5.22
C ASP A 146 15.06 4.61 -5.98
N HIS A 147 14.25 3.58 -5.76
CA HIS A 147 14.46 2.30 -6.42
C HIS A 147 14.29 2.45 -7.92
N LEU A 148 13.23 3.14 -8.35
CA LEU A 148 12.95 3.33 -9.77
C LEU A 148 14.17 3.94 -10.47
N THR A 149 14.73 4.96 -9.82
CA THR A 149 15.84 5.66 -10.41
C THR A 149 17.03 4.69 -10.55
N ASN A 150 17.31 3.90 -9.52
CA ASN A 150 18.40 2.94 -9.58
C ASN A 150 18.14 1.85 -10.60
N ILE A 151 16.93 1.33 -10.67
CA ILE A 151 16.61 0.32 -11.67
C ILE A 151 16.81 0.87 -13.07
N GLN A 152 16.34 2.10 -13.31
CA GLN A 152 16.40 2.78 -14.60
C GLN A 152 17.86 3.01 -15.02
N ARG A 153 18.69 3.40 -14.05
N ARG A 153 18.72 3.40 -14.08
N ARG A 153 18.69 3.42 -14.05
CA ARG A 153 20.10 3.66 -14.31
CA ARG A 153 20.10 3.68 -14.42
CA ARG A 153 20.10 3.66 -14.31
C ARG A 153 20.80 2.39 -14.77
C ARG A 153 20.82 2.38 -14.78
C ARG A 153 20.74 2.38 -14.85
N LEU A 154 20.28 1.23 -14.37
CA LEU A 154 20.91 -0.07 -14.61
C LEU A 154 20.45 -0.77 -15.88
N VAL A 155 19.45 -0.23 -16.56
CA VAL A 155 18.95 -0.86 -17.77
C VAL A 155 20.01 -0.77 -18.86
N GLY A 156 20.39 0.47 -19.20
CA GLY A 156 21.48 0.67 -20.13
C GLY A 156 21.21 -0.19 -21.36
N SER A 157 22.16 -1.04 -21.75
CA SER A 157 21.97 -1.96 -22.86
C SER A 157 22.07 -3.42 -22.44
N GLN A 158 22.27 -3.67 -21.14
CA GLN A 158 22.43 -5.00 -20.58
C GLN A 158 21.37 -5.15 -19.48
N ALA A 159 20.11 -5.33 -19.91
CA ALA A 159 19.00 -5.21 -18.97
C ALA A 159 19.05 -6.34 -17.95
N GLY A 160 19.34 -7.57 -18.38
CA GLY A 160 19.37 -8.69 -17.45
C GLY A 160 20.41 -8.52 -16.35
N LEU A 161 21.61 -8.12 -16.74
CA LEU A 161 22.67 -7.83 -15.80
C LEU A 161 22.20 -6.80 -14.78
N GLY A 162 21.62 -5.70 -15.28
CA GLY A 162 21.16 -4.65 -14.38
C GLY A 162 20.07 -5.15 -13.41
N GLU A 163 19.18 -5.98 -13.90
CA GLU A 163 18.12 -6.51 -13.06
C GLU A 163 18.64 -7.40 -11.94
N TYR A 164 19.61 -8.26 -12.31
CA TYR A 164 20.29 -9.08 -11.33
C TYR A 164 21.02 -8.24 -10.29
N LEU A 165 21.82 -7.25 -10.74
CA LEU A 165 22.60 -6.47 -9.81
C LEU A 165 21.77 -5.66 -8.81
N PHE A 166 20.65 -5.11 -9.30
CA PHE A 166 19.76 -4.37 -8.42
C PHE A 166 19.22 -5.30 -7.32
N GLU A 167 18.81 -6.51 -7.71
CA GLU A 167 18.25 -7.45 -6.77
C GLU A 167 19.28 -7.88 -5.75
N ARG A 168 20.50 -8.15 -6.22
CA ARG A 168 21.57 -8.61 -5.38
C ARG A 168 22.13 -7.53 -4.44
N LEU A 169 22.27 -6.28 -4.91
CA LEU A 169 23.06 -5.26 -4.20
C LEU A 169 22.21 -4.18 -3.52
N THR A 170 20.93 -4.02 -3.92
CA THR A 170 20.04 -3.11 -3.24
C THR A 170 19.01 -3.87 -2.40
N LEU A 171 18.31 -4.87 -2.97
CA LEU A 171 17.21 -5.47 -2.24
C LEU A 171 17.69 -6.61 -1.34
N LYS A 172 16.92 -6.88 -0.28
CA LYS A 172 17.45 -7.64 0.86
C LYS A 172 17.20 -9.13 0.66
N HIS A 173 18.23 -9.92 0.94
CA HIS A 173 18.10 -11.36 0.74
C HIS A 173 19.10 -12.08 1.65
CD CD B . -19.93 -10.88 -3.67
CD CD C . 0.26 14.71 15.46
CD CD D . -2.25 17.97 12.03
CD CD E . -1.66 16.62 14.07
S SO4 F . -22.32 13.64 18.41
O1 SO4 F . -23.61 13.84 17.79
O2 SO4 F . -22.51 13.74 19.87
O3 SO4 F . -21.84 12.34 18.07
O4 SO4 F . -21.41 14.66 17.93
CL CL G . -21.61 -9.38 -2.69
C1 EDO H . 10.98 -11.32 -15.17
O1 EDO H . 11.70 -12.36 -15.81
C2 EDO H . 11.82 -10.25 -14.63
O2 EDO H . 12.49 -9.55 -15.72
C1 A1L52 I . -8.09 -11.02 3.21
O2 A1L52 I . -3.96 -11.86 6.98
C3 A1L52 I . -5.60 -10.61 1.29
C4 A1L52 I . -4.18 -10.62 0.84
C5 A1L52 I . -4.70 -11.22 3.46
C6 A1L52 I . -3.44 -10.68 3.06
C7 A1L52 I . -2.38 -10.56 3.93
C8 A1L52 I . -2.52 -10.92 5.27
C9 A1L52 I . -1.68 -11.18 7.44
C12 A1L52 I . 1.67 -10.45 8.95
C13 A1L52 I . 1.47 -10.84 10.28
C14 A1L52 I . 0.23 -11.31 10.68
C15 A1L52 I . -0.81 -11.45 9.74
C16 A1L52 I . -2.08 -11.95 10.14
C17 A1L52 I . -3.14 -12.08 9.19
C18 A1L52 I . -2.93 -11.71 7.87
C20 A1L52 I . -4.85 -11.60 4.80
C2 A1L52 I . -6.98 -11.98 2.85
N1 A1L52 I . -5.72 -11.29 2.57
N2 A1L52 I . -1.47 -10.82 6.16
C10 A1L52 I . -0.60 -11.06 8.39
C11 A1L52 I . 0.66 -10.56 8.03
O1 A1L52 I . -2.27 -12.27 11.34
C19 A1L52 I . -3.79 -11.46 5.69
#